data_1ESY
#
_entry.id   1ESY
#
_cell.length_a   1.000
_cell.length_b   1.000
_cell.length_c   1.000
_cell.angle_alpha   90.00
_cell.angle_beta   90.00
_cell.angle_gamma   90.00
#
_symmetry.space_group_name_H-M   'P 1'
#
_entity_poly.entity_id   1
_entity_poly.type   'polyribonucleotide'
_entity_poly.pdbx_seq_one_letter_code
;GGCGACUGGUGAGUACGCC
;
_entity_poly.pdbx_strand_id   A
#